data_7N8V
#
_entry.id   7N8V
#
_cell.length_a   61.134
_cell.length_b   55.875
_cell.length_c   75.751
_cell.angle_alpha   90.000
_cell.angle_beta   105.029
_cell.angle_gamma   90.000
#
_symmetry.space_group_name_H-M   'P 1 21 1'
#
loop_
_entity.id
_entity.type
_entity.pdbx_description
1 polymer 'ERI1 exoribonuclease 2'
2 non-polymer 'SULFATE ION'
3 water water
#
_entity_poly.entity_id   1
_entity_poly.type   'polypeptide(L)'
_entity_poly.pdbx_seq_one_letter_code
;MGSSHHHHHHSSGLVPRGSHMMATKRLARQLGLIRRKSIAPANGNLGRSKSKQLFDYLIVIDFESTCWNDGKHHHSQEII
EFPAVLLNTSTGQIDSEFQAYVQPQEHPILSEFCMELTGIKQAQVDEGVPLKICLSQFCKWIHKIQQQKNIIFATGISEP
SASEVKLCAFVTWSDWDLGVCLEYECKRKQLLKPVFLNSWIDLRATYKLFYRRKPKGLSGALQEVGIEFSGREASGLDAS
RNTALLAWKMIRDGCVMKITRSLN
;
_entity_poly.pdbx_strand_id   A,B
#
# COMPACT_ATOMS: atom_id res chain seq x y z
N SER A 51 -2.55 5.76 36.76
CA SER A 51 -2.20 6.45 35.53
C SER A 51 -3.38 7.24 34.98
N LYS A 52 -3.16 8.50 34.64
CA LYS A 52 -4.20 9.37 34.13
C LYS A 52 -4.19 9.36 32.61
N GLN A 53 -5.33 9.05 32.01
CA GLN A 53 -5.45 8.98 30.57
C GLN A 53 -5.80 10.34 30.00
N LEU A 54 -5.32 10.61 28.78
CA LEU A 54 -5.60 11.88 28.13
C LEU A 54 -6.96 11.86 27.43
N PHE A 55 -7.30 10.75 26.78
CA PHE A 55 -8.55 10.63 26.03
C PHE A 55 -9.57 9.85 26.84
N ASP A 56 -10.80 10.37 26.91
CA ASP A 56 -11.87 9.71 27.62
C ASP A 56 -12.53 8.61 26.79
N TYR A 57 -12.36 8.64 25.47
CA TYR A 57 -12.89 7.62 24.58
C TYR A 57 -11.92 7.40 23.44
N LEU A 58 -11.84 6.14 22.99
CA LEU A 58 -11.14 5.79 21.76
C LEU A 58 -12.10 5.12 20.80
N ILE A 59 -11.97 5.44 19.52
CA ILE A 59 -12.72 4.79 18.45
C ILE A 59 -11.75 3.88 17.70
N VAL A 60 -11.98 2.57 17.79
CA VAL A 60 -11.08 1.58 17.20
C VAL A 60 -11.64 1.16 15.86
N ILE A 61 -10.78 1.16 14.83
CA ILE A 61 -11.17 0.89 13.46
C ILE A 61 -10.26 -0.18 12.88
N ASP A 62 -10.86 -1.20 12.25
CA ASP A 62 -10.11 -2.26 11.57
C ASP A 62 -10.76 -2.52 10.21
N PHE A 63 -10.25 -1.87 9.17
CA PHE A 63 -10.84 -1.99 7.84
C PHE A 63 -10.61 -3.39 7.26
N GLU A 64 -11.61 -3.86 6.52
CA GLU A 64 -11.46 -4.99 5.62
C GLU A 64 -11.70 -4.53 4.20
N SER A 65 -10.89 -5.03 3.26
CA SER A 65 -10.95 -4.57 1.88
C SER A 65 -10.74 -5.75 0.94
N THR A 66 -11.05 -5.54 -0.33
CA THR A 66 -10.74 -6.51 -1.36
C THR A 66 -9.23 -6.73 -1.40
N CYS A 67 -8.83 -7.95 -1.75
CA CYS A 67 -7.41 -8.26 -1.81
C CYS A 67 -7.20 -9.50 -2.67
N TRP A 68 -6.00 -9.59 -3.24
CA TRP A 68 -5.60 -10.75 -4.03
C TRP A 68 -4.16 -11.07 -3.69
N ASN A 69 -3.77 -12.31 -3.97
CA ASN A 69 -2.40 -12.76 -3.80
C ASN A 69 -2.05 -13.69 -4.96
N ASP A 70 -2.09 -13.13 -6.17
CA ASP A 70 -1.88 -13.86 -7.42
C ASP A 70 -0.52 -13.53 -8.04
N GLY A 71 0.46 -13.25 -7.20
CA GLY A 71 1.83 -12.97 -7.64
C GLY A 71 2.02 -11.51 -7.97
N LYS A 72 2.41 -11.23 -9.22
CA LYS A 72 2.73 -9.86 -9.63
C LYS A 72 1.56 -9.16 -10.29
N HIS A 73 0.38 -9.78 -10.33
CA HIS A 73 -0.82 -9.06 -10.69
C HIS A 73 -1.20 -8.17 -9.51
N HIS A 74 -1.36 -6.88 -9.77
CA HIS A 74 -1.70 -5.93 -8.71
C HIS A 74 -2.89 -5.09 -9.15
N HIS A 75 -3.94 -5.10 -8.35
CA HIS A 75 -5.16 -4.36 -8.62
C HIS A 75 -5.38 -3.31 -7.53
N SER A 76 -6.46 -2.55 -7.69
CA SER A 76 -6.82 -1.50 -6.76
C SER A 76 -7.76 -2.09 -5.72
N GLN A 77 -7.43 -1.89 -4.44
CA GLN A 77 -8.24 -2.45 -3.37
C GLN A 77 -9.25 -1.44 -2.86
N GLU A 78 -10.46 -1.93 -2.58
CA GLU A 78 -11.57 -1.13 -2.10
C GLU A 78 -12.06 -1.68 -0.76
N ILE A 79 -12.37 -0.76 0.17
CA ILE A 79 -12.89 -1.17 1.47
C ILE A 79 -14.20 -1.93 1.28
N ILE A 80 -14.35 -3.02 2.01
CA ILE A 80 -15.60 -3.78 2.00
C ILE A 80 -16.30 -3.83 3.35
N GLU A 81 -15.60 -3.56 4.45
CA GLU A 81 -16.24 -3.43 5.75
C GLU A 81 -15.66 -2.25 6.49
N PHE A 82 -16.55 -1.42 7.05
CA PHE A 82 -16.17 -0.20 7.77
C PHE A 82 -16.66 -0.32 9.21
N PRO A 83 -15.88 -0.92 10.10
CA PRO A 83 -16.31 -1.06 11.49
C PRO A 83 -15.67 -0.06 12.42
N ALA A 84 -16.34 0.25 13.53
CA ALA A 84 -15.80 1.15 14.54
C ALA A 84 -16.49 0.88 15.86
N VAL A 85 -15.71 0.76 16.93
CA VAL A 85 -16.25 0.57 18.28
C VAL A 85 -15.77 1.73 19.15
N LEU A 86 -16.67 2.23 19.98
CA LEU A 86 -16.36 3.34 20.90
C LEU A 86 -15.98 2.75 22.25
N LEU A 87 -14.71 2.89 22.62
CA LEU A 87 -14.20 2.33 23.86
C LEU A 87 -14.18 3.41 24.93
N ASN A 88 -14.70 3.07 26.11
CA ASN A 88 -14.70 3.97 27.27
C ASN A 88 -13.42 3.73 28.06
N THR A 89 -12.52 4.71 28.06
CA THR A 89 -11.22 4.53 28.70
C THR A 89 -11.31 4.55 30.21
N SER A 90 -12.47 4.86 30.79
CA SER A 90 -12.64 4.85 32.23
C SER A 90 -13.35 3.61 32.74
N THR A 91 -14.35 3.11 32.01
CA THR A 91 -15.07 1.90 32.40
C THR A 91 -14.56 0.65 31.70
N GLY A 92 -14.01 0.79 30.50
CA GLY A 92 -13.54 -0.34 29.74
C GLY A 92 -14.58 -0.96 28.82
N GLN A 93 -15.80 -0.46 28.81
CA GLN A 93 -16.87 -1.03 28.02
C GLN A 93 -16.92 -0.41 26.63
N ILE A 94 -17.66 -1.07 25.75
CA ILE A 94 -17.94 -0.57 24.41
C ILE A 94 -19.32 0.08 24.45
N ASP A 95 -19.37 1.40 24.42
CA ASP A 95 -20.62 2.13 24.60
C ASP A 95 -21.40 2.30 23.30
N SER A 96 -20.74 2.17 22.16
CA SER A 96 -21.41 2.31 20.87
C SER A 96 -20.57 1.63 19.81
N GLU A 97 -21.23 1.20 18.73
CA GLU A 97 -20.57 0.53 17.63
C GLU A 97 -21.12 1.00 16.30
N PHE A 98 -20.29 0.91 15.28
CA PHE A 98 -20.67 1.21 13.90
C PHE A 98 -20.17 0.08 13.01
N GLN A 99 -21.03 -0.37 12.11
CA GLN A 99 -20.64 -1.39 11.14
C GLN A 99 -21.40 -1.15 9.85
N ALA A 100 -20.67 -1.16 8.74
CA ALA A 100 -21.29 -1.01 7.43
C ALA A 100 -20.47 -1.80 6.42
N TYR A 101 -21.16 -2.64 5.65
CA TYR A 101 -20.51 -3.35 4.56
C TYR A 101 -20.49 -2.46 3.33
N VAL A 102 -19.32 -2.29 2.74
CA VAL A 102 -19.11 -1.38 1.62
C VAL A 102 -19.16 -2.17 0.32
N GLN A 103 -19.98 -1.71 -0.62
CA GLN A 103 -20.09 -2.36 -1.92
C GLN A 103 -18.94 -1.92 -2.82
N PRO A 104 -18.06 -2.82 -3.24
CA PRO A 104 -16.98 -2.42 -4.16
C PRO A 104 -17.53 -2.02 -5.52
N GLN A 105 -16.84 -1.09 -6.16
CA GLN A 105 -17.23 -0.56 -7.47
C GLN A 105 -16.26 -0.91 -8.58
N GLU A 106 -14.95 -0.82 -8.33
CA GLU A 106 -13.98 -1.13 -9.35
C GLU A 106 -13.88 -2.64 -9.60
N HIS A 107 -13.92 -3.44 -8.54
CA HIS A 107 -13.94 -4.90 -8.63
C HIS A 107 -15.02 -5.43 -7.70
N PRO A 108 -16.27 -5.46 -8.17
CA PRO A 108 -17.38 -5.80 -7.27
C PRO A 108 -17.44 -7.27 -6.86
N ILE A 109 -16.73 -8.15 -7.56
CA ILE A 109 -16.77 -9.58 -7.27
C ILE A 109 -15.62 -9.92 -6.30
N LEU A 110 -15.99 -10.33 -5.09
CA LEU A 110 -14.98 -10.72 -4.11
C LEU A 110 -14.33 -12.04 -4.53
N SER A 111 -12.99 -12.05 -4.51
CA SER A 111 -12.25 -13.25 -4.82
C SER A 111 -12.39 -14.29 -3.71
N GLU A 112 -12.07 -15.54 -4.05
CA GLU A 112 -12.10 -16.60 -3.05
C GLU A 112 -11.04 -16.39 -1.97
N PHE A 113 -9.86 -15.89 -2.36
CA PHE A 113 -8.84 -15.56 -1.38
C PHE A 113 -9.33 -14.49 -0.41
N CYS A 114 -10.10 -13.52 -0.91
CA CYS A 114 -10.60 -12.45 -0.05
C CYS A 114 -11.71 -12.95 0.86
N MET A 115 -12.67 -13.69 0.31
CA MET A 115 -13.74 -14.23 1.13
C MET A 115 -13.22 -15.23 2.15
N GLU A 116 -12.12 -15.91 1.84
CA GLU A 116 -11.52 -16.82 2.81
C GLU A 116 -10.80 -16.06 3.91
N LEU A 117 -10.13 -14.96 3.55
CA LEU A 117 -9.35 -14.21 4.53
C LEU A 117 -10.24 -13.40 5.47
N THR A 118 -11.30 -12.78 4.94
CA THR A 118 -12.13 -11.87 5.71
C THR A 118 -13.40 -12.52 6.26
N GLY A 119 -13.80 -13.67 5.75
CA GLY A 119 -15.07 -14.26 6.17
C GLY A 119 -16.31 -13.55 5.69
N ILE A 120 -16.17 -12.58 4.80
CA ILE A 120 -17.31 -11.81 4.30
C ILE A 120 -17.88 -12.51 3.07
N LYS A 121 -19.18 -12.72 3.06
CA LYS A 121 -19.86 -13.34 1.93
C LYS A 121 -20.25 -12.31 0.87
N GLN A 122 -20.49 -12.80 -0.34
CA GLN A 122 -20.78 -11.92 -1.46
C GLN A 122 -22.07 -11.15 -1.27
N ALA A 123 -23.10 -11.79 -0.71
CA ALA A 123 -24.39 -11.12 -0.53
C ALA A 123 -24.30 -9.93 0.42
N GLN A 124 -23.29 -9.91 1.29
CA GLN A 124 -23.17 -8.80 2.24
C GLN A 124 -22.68 -7.53 1.55
N VAL A 125 -21.68 -7.64 0.68
CA VAL A 125 -21.25 -6.48 -0.09
C VAL A 125 -22.22 -6.14 -1.21
N ASP A 126 -23.07 -7.09 -1.61
CA ASP A 126 -24.11 -6.77 -2.58
C ASP A 126 -25.22 -5.92 -1.96
N GLU A 127 -25.53 -6.16 -0.69
CA GLU A 127 -26.49 -5.32 0.01
C GLU A 127 -25.87 -4.06 0.57
N GLY A 128 -24.54 -3.93 0.52
CA GLY A 128 -23.86 -2.80 1.10
C GLY A 128 -23.95 -1.56 0.22
N VAL A 129 -23.38 -0.47 0.73
CA VAL A 129 -23.44 0.83 0.07
C VAL A 129 -22.05 1.21 -0.42
N PRO A 130 -21.93 2.04 -1.46
CA PRO A 130 -20.61 2.51 -1.88
C PRO A 130 -19.91 3.27 -0.76
N LEU A 131 -18.59 3.41 -0.92
CA LEU A 131 -17.78 4.03 0.13
C LEU A 131 -18.23 5.46 0.41
N LYS A 132 -18.63 6.20 -0.62
CA LYS A 132 -19.09 7.57 -0.43
C LYS A 132 -20.24 7.64 0.56
N ILE A 133 -21.28 6.82 0.35
CA ILE A 133 -22.40 6.78 1.28
C ILE A 133 -21.94 6.28 2.65
N CYS A 134 -20.96 5.37 2.68
CA CYS A 134 -20.49 4.83 3.95
C CYS A 134 -19.86 5.91 4.80
N LEU A 135 -19.07 6.79 4.19
CA LEU A 135 -18.45 7.89 4.95
C LEU A 135 -19.52 8.83 5.49
N SER A 136 -20.61 9.03 4.75
CA SER A 136 -21.72 9.84 5.26
C SER A 136 -22.38 9.17 6.46
N GLN A 137 -22.59 7.86 6.39
CA GLN A 137 -23.15 7.14 7.53
C GLN A 137 -22.22 7.19 8.74
N PHE A 138 -20.91 7.06 8.51
CA PHE A 138 -19.97 7.10 9.61
C PHE A 138 -19.94 8.46 10.29
N CYS A 139 -20.05 9.54 9.50
CA CYS A 139 -20.08 10.88 10.08
C CYS A 139 -21.37 11.10 10.87
N LYS A 140 -22.49 10.59 10.38
CA LYS A 140 -23.73 10.65 11.15
C LYS A 140 -23.57 9.95 12.50
N TRP A 141 -22.86 8.81 12.51
CA TRP A 141 -22.60 8.11 13.77
C TRP A 141 -21.66 8.92 14.66
N ILE A 142 -20.62 9.51 14.08
CA ILE A 142 -19.72 10.37 14.85
C ILE A 142 -20.50 11.53 15.46
N HIS A 143 -21.35 12.17 14.66
CA HIS A 143 -22.17 13.27 15.15
C HIS A 143 -23.14 12.81 16.23
N LYS A 144 -23.61 11.56 16.15
CA LYS A 144 -24.54 11.05 17.15
C LYS A 144 -23.84 10.83 18.48
N ILE A 145 -22.69 10.16 18.47
CA ILE A 145 -21.95 9.92 19.71
C ILE A 145 -21.38 11.20 20.29
N GLN A 146 -21.14 12.23 19.48
CA GLN A 146 -20.77 13.53 20.03
C GLN A 146 -21.92 14.13 20.81
N GLN A 147 -23.11 14.15 20.20
CA GLN A 147 -24.28 14.73 20.87
C GLN A 147 -24.68 13.95 22.11
N GLN A 148 -24.32 12.67 22.21
CA GLN A 148 -24.72 11.85 23.35
C GLN A 148 -23.70 11.89 24.49
N LYS A 149 -22.41 11.80 24.17
CA LYS A 149 -21.36 11.74 25.17
C LYS A 149 -20.57 13.03 25.27
N ASN A 150 -20.96 14.07 24.55
CA ASN A 150 -20.29 15.38 24.60
C ASN A 150 -18.82 15.23 24.22
N ILE A 151 -18.58 14.56 23.10
CA ILE A 151 -17.25 14.22 22.64
C ILE A 151 -16.77 15.26 21.63
N ILE A 152 -15.51 15.67 21.77
CA ILE A 152 -14.83 16.46 20.76
C ILE A 152 -13.53 15.73 20.44
N PHE A 153 -12.98 16.02 19.27
CA PHE A 153 -11.72 15.42 18.84
C PHE A 153 -10.68 16.53 18.89
N ALA A 154 -9.92 16.55 19.98
CA ALA A 154 -8.90 17.55 20.24
C ALA A 154 -7.70 16.87 20.87
N THR A 155 -6.52 17.45 20.69
CA THR A 155 -5.31 16.90 21.28
C THR A 155 -5.07 17.41 22.69
N GLY A 156 -5.95 18.26 23.21
CA GLY A 156 -5.82 18.76 24.56
C GLY A 156 -6.56 20.06 24.76
N ILE A 157 -6.96 20.28 26.01
CA ILE A 157 -7.71 21.47 26.40
C ILE A 157 -6.74 22.43 27.10
N SER A 158 -6.55 23.61 26.51
CA SER A 158 -5.65 24.64 27.02
C SER A 158 -6.32 25.53 28.06
N GLU A 159 -7.38 25.03 28.69
CA GLU A 159 -8.25 25.68 29.65
C GLU A 159 -8.49 24.65 30.74
N PRO A 160 -8.74 25.09 31.98
CA PRO A 160 -8.99 24.11 33.06
C PRO A 160 -10.02 23.08 32.63
N SER A 161 -9.79 21.84 33.06
CA SER A 161 -10.60 20.71 32.63
C SER A 161 -12.02 20.82 33.14
N ALA A 162 -12.98 20.58 32.23
CA ALA A 162 -14.39 20.51 32.56
C ALA A 162 -14.85 19.09 32.28
N SER A 163 -15.39 18.41 33.29
CA SER A 163 -15.71 17.00 33.15
C SER A 163 -16.81 16.73 32.13
N GLU A 164 -17.53 17.77 31.68
CA GLU A 164 -18.61 17.54 30.73
C GLU A 164 -18.10 17.23 29.34
N VAL A 165 -16.93 17.74 28.98
CA VAL A 165 -16.37 17.52 27.64
C VAL A 165 -15.43 16.31 27.69
N LYS A 166 -15.46 15.52 26.63
CA LYS A 166 -14.67 14.29 26.54
C LYS A 166 -13.80 14.33 25.29
N LEU A 167 -12.52 14.05 25.47
CA LEU A 167 -11.59 13.98 24.35
C LEU A 167 -11.58 12.56 23.79
N CYS A 168 -11.59 12.46 22.46
CA CYS A 168 -11.63 11.18 21.78
C CYS A 168 -10.55 11.12 20.71
N ALA A 169 -10.07 9.91 20.45
CA ALA A 169 -9.03 9.68 19.44
C ALA A 169 -9.30 8.36 18.74
N PHE A 170 -8.77 8.24 17.53
CA PHE A 170 -8.93 7.03 16.74
C PHE A 170 -7.75 6.09 16.94
N VAL A 171 -8.04 4.80 17.04
CA VAL A 171 -7.04 3.78 17.28
C VAL A 171 -7.12 2.75 16.17
N THR A 172 -5.97 2.43 15.60
CA THR A 172 -5.83 1.36 14.61
C THR A 172 -4.66 0.49 15.04
N TRP A 173 -4.61 -0.73 14.51
CA TRP A 173 -3.48 -1.61 14.80
C TRP A 173 -2.20 -1.07 14.17
N SER A 174 -2.19 -0.91 12.86
CA SER A 174 -1.05 -0.35 12.16
C SER A 174 -1.44 0.97 11.52
N ASP A 175 -0.46 1.66 10.95
CA ASP A 175 -0.81 2.91 10.25
C ASP A 175 -1.49 2.64 8.92
N TRP A 176 -1.79 1.37 8.62
CA TRP A 176 -2.31 1.01 7.31
C TRP A 176 -3.76 1.44 7.14
N ASP A 177 -4.55 1.37 8.22
CA ASP A 177 -5.99 1.62 8.10
C ASP A 177 -6.27 3.05 7.65
N LEU A 178 -5.92 4.02 8.48
CA LEU A 178 -6.22 5.43 8.20
C LEU A 178 -5.10 6.12 7.41
N GLY A 179 -3.95 5.48 7.22
CA GLY A 179 -2.85 6.11 6.53
C GLY A 179 -2.61 5.59 5.13
N VAL A 180 -3.09 4.39 4.84
CA VAL A 180 -2.87 3.75 3.54
C VAL A 180 -4.20 3.39 2.91
N CYS A 181 -4.97 2.56 3.61
CA CYS A 181 -6.23 2.03 3.08
C CYS A 181 -7.22 3.15 2.75
N LEU A 182 -7.72 3.83 3.78
CA LEU A 182 -8.68 4.90 3.56
C LEU A 182 -8.06 6.10 2.84
N GLU A 183 -6.78 6.37 3.09
CA GLU A 183 -6.15 7.56 2.52
C GLU A 183 -6.02 7.45 1.01
N TYR A 184 -5.23 6.48 0.53
CA TYR A 184 -4.95 6.37 -0.89
C TYR A 184 -6.14 5.91 -1.71
N GLU A 185 -7.24 5.51 -1.08
CA GLU A 185 -8.46 5.19 -1.80
C GLU A 185 -9.32 6.44 -2.03
N CYS A 186 -9.37 7.33 -1.04
CA CYS A 186 -10.11 8.58 -1.21
C CYS A 186 -9.45 9.48 -2.24
N LYS A 187 -8.12 9.49 -2.29
CA LYS A 187 -7.42 10.30 -3.29
C LYS A 187 -7.62 9.74 -4.69
N ARG A 188 -7.75 8.43 -4.83
CA ARG A 188 -7.92 7.82 -6.14
C ARG A 188 -9.36 7.93 -6.64
N LYS A 189 -10.34 7.92 -5.73
CA LYS A 189 -11.73 8.07 -6.10
C LYS A 189 -12.22 9.50 -5.98
N GLN A 190 -11.34 10.44 -5.63
CA GLN A 190 -11.69 11.86 -5.50
C GLN A 190 -12.85 12.06 -4.53
N LEU A 191 -12.84 11.31 -3.44
CA LEU A 191 -13.84 11.42 -2.39
C LEU A 191 -13.33 12.30 -1.27
N LEU A 192 -14.25 12.91 -0.53
CA LEU A 192 -13.92 13.77 0.58
C LEU A 192 -13.70 12.92 1.83
N LYS A 193 -12.47 12.89 2.33
CA LYS A 193 -12.14 12.15 3.54
C LYS A 193 -12.40 13.01 4.76
N PRO A 194 -13.08 12.48 5.78
CA PRO A 194 -13.29 13.27 7.00
C PRO A 194 -11.97 13.66 7.64
N VAL A 195 -11.83 14.94 7.94
CA VAL A 195 -10.56 15.47 8.42
C VAL A 195 -10.17 14.90 9.77
N PHE A 196 -11.13 14.41 10.57
CA PHE A 196 -10.78 13.85 11.86
C PHE A 196 -10.12 12.47 11.76
N LEU A 197 -10.10 11.84 10.58
CA LEU A 197 -9.34 10.62 10.37
C LEU A 197 -7.91 10.89 9.88
N ASN A 198 -7.37 12.08 10.12
CA ASN A 198 -6.01 12.39 9.72
C ASN A 198 -5.00 12.23 10.84
N SER A 199 -5.45 11.87 12.04
CA SER A 199 -4.56 11.61 13.17
C SER A 199 -5.14 10.47 13.99
N TRP A 200 -4.28 9.58 14.46
CA TRP A 200 -4.74 8.36 15.14
C TRP A 200 -3.64 7.85 16.05
N ILE A 201 -3.92 6.74 16.72
CA ILE A 201 -2.99 6.08 17.63
C ILE A 201 -2.64 4.73 17.04
N ASP A 202 -1.40 4.57 16.59
CA ASP A 202 -0.91 3.27 16.13
C ASP A 202 -0.72 2.37 17.35
N LEU A 203 -1.68 1.48 17.57
CA LEU A 203 -1.64 0.65 18.77
C LEU A 203 -0.49 -0.35 18.73
N ARG A 204 -0.11 -0.82 17.55
CA ARG A 204 1.02 -1.76 17.47
C ARG A 204 2.31 -1.07 17.89
N ALA A 205 2.54 0.15 17.41
CA ALA A 205 3.72 0.89 17.83
C ALA A 205 3.65 1.21 19.32
N THR A 206 2.45 1.53 19.83
CA THR A 206 2.29 1.76 21.25
C THR A 206 2.56 0.49 22.04
N TYR A 207 2.14 -0.66 21.50
CA TYR A 207 2.42 -1.94 22.14
C TYR A 207 3.92 -2.22 22.19
N LYS A 208 4.64 -1.87 21.13
CA LYS A 208 6.07 -2.19 21.06
C LYS A 208 6.86 -1.43 22.11
N LEU A 209 6.66 -0.12 22.21
CA LEU A 209 7.46 0.67 23.15
C LEU A 209 6.98 0.54 24.59
N PHE A 210 5.76 0.05 24.81
CA PHE A 210 5.26 -0.11 26.17
C PHE A 210 5.72 -1.42 26.78
N TYR A 211 5.38 -2.54 26.14
CA TYR A 211 5.80 -3.85 26.63
C TYR A 211 7.22 -4.22 26.23
N ARG A 212 7.85 -3.41 25.37
CA ARG A 212 9.24 -3.60 24.96
C ARG A 212 9.46 -4.97 24.30
N ARG A 213 8.61 -5.27 23.32
CA ARG A 213 8.73 -6.48 22.53
C ARG A 213 7.97 -6.28 21.22
N LYS A 214 8.38 -7.04 20.20
CA LYS A 214 7.77 -6.95 18.88
C LYS A 214 6.70 -8.03 18.74
N PRO A 215 5.43 -7.66 18.59
CA PRO A 215 4.38 -8.67 18.42
C PRO A 215 4.25 -9.14 16.97
N LYS A 216 3.84 -10.39 16.82
CA LYS A 216 3.60 -10.99 15.52
C LYS A 216 2.11 -10.92 15.21
N GLY A 217 1.68 -9.73 14.79
CA GLY A 217 0.29 -9.49 14.46
C GLY A 217 -0.57 -9.21 15.68
N LEU A 218 -1.84 -8.89 15.41
CA LEU A 218 -2.78 -8.63 16.48
C LEU A 218 -3.01 -9.87 17.34
N SER A 219 -3.06 -11.05 16.70
CA SER A 219 -3.23 -12.29 17.45
C SER A 219 -2.02 -12.54 18.36
N GLY A 220 -0.82 -12.35 17.82
CA GLY A 220 0.38 -12.56 18.62
C GLY A 220 0.46 -11.61 19.80
N ALA A 221 0.06 -10.36 19.62
CA ALA A 221 0.07 -9.40 20.71
C ALA A 221 -0.92 -9.79 21.80
N LEU A 222 -2.14 -10.16 21.40
CA LEU A 222 -3.13 -10.59 22.38
C LEU A 222 -2.69 -11.87 23.09
N GLN A 223 -2.08 -12.80 22.36
CA GLN A 223 -1.66 -14.06 22.97
C GLN A 223 -0.59 -13.83 24.04
N GLU A 224 0.34 -12.91 23.78
CA GLU A 224 1.43 -12.68 24.73
C GLU A 224 0.94 -12.12 26.06
N VAL A 225 -0.21 -11.44 26.08
CA VAL A 225 -0.77 -10.90 27.31
C VAL A 225 -1.86 -11.81 27.88
N GLY A 226 -1.93 -13.06 27.41
CA GLY A 226 -2.82 -14.03 27.99
C GLY A 226 -4.25 -14.05 27.46
N ILE A 227 -4.54 -13.29 26.42
CA ILE A 227 -5.89 -13.22 25.86
C ILE A 227 -5.93 -14.10 24.61
N GLU A 228 -6.65 -15.20 24.69
CA GLU A 228 -6.75 -16.18 23.60
C GLU A 228 -8.21 -16.30 23.17
N PHE A 229 -8.43 -16.21 21.87
CA PHE A 229 -9.75 -16.35 21.27
C PHE A 229 -9.83 -17.65 20.48
N SER A 230 -11.06 -18.07 20.18
CA SER A 230 -11.28 -19.30 19.44
C SER A 230 -11.72 -18.99 18.01
N GLY A 231 -11.55 -19.98 17.15
CA GLY A 231 -11.98 -19.89 15.78
C GLY A 231 -10.95 -19.21 14.90
N ARG A 232 -11.41 -18.85 13.71
CA ARG A 232 -10.56 -18.16 12.74
C ARG A 232 -10.17 -16.79 13.25
N GLU A 233 -9.15 -16.21 12.62
CA GLU A 233 -8.74 -14.86 12.97
C GLU A 233 -9.87 -13.89 12.69
N ALA A 234 -10.16 -13.04 13.68
CA ALA A 234 -11.26 -12.10 13.56
C ALA A 234 -10.99 -11.09 12.44
N SER A 235 -12.08 -10.52 11.92
CA SER A 235 -12.02 -9.54 10.86
C SER A 235 -13.15 -8.55 11.05
N GLY A 236 -12.92 -7.32 10.58
CA GLY A 236 -13.98 -6.32 10.62
C GLY A 236 -14.35 -5.96 12.04
N LEU A 237 -15.65 -6.01 12.34
CA LEU A 237 -16.14 -5.61 13.65
C LEU A 237 -15.54 -6.46 14.76
N ASP A 238 -15.31 -7.75 14.50
CA ASP A 238 -14.72 -8.61 15.51
C ASP A 238 -13.27 -8.22 15.79
N ALA A 239 -12.51 -7.90 14.74
CA ALA A 239 -11.13 -7.46 14.94
C ALA A 239 -11.07 -6.12 15.66
N SER A 240 -12.04 -5.24 15.39
CA SER A 240 -12.09 -3.96 16.08
C SER A 240 -12.37 -4.13 17.57
N ARG A 241 -13.30 -5.03 17.91
CA ARG A 241 -13.60 -5.28 19.32
C ARG A 241 -12.39 -5.87 20.05
N ASN A 242 -11.67 -6.78 19.39
CA ASN A 242 -10.50 -7.38 20.01
C ASN A 242 -9.35 -6.38 20.13
N THR A 243 -9.20 -5.49 19.14
CA THR A 243 -8.21 -4.44 19.26
C THR A 243 -8.54 -3.50 20.41
N ALA A 244 -9.83 -3.23 20.62
CA ALA A 244 -10.24 -2.41 21.75
C ALA A 244 -9.99 -3.12 23.08
N LEU A 245 -10.11 -4.44 23.10
CA LEU A 245 -9.77 -5.20 24.30
C LEU A 245 -8.28 -5.05 24.62
N LEU A 246 -7.42 -5.15 23.60
CA LEU A 246 -5.99 -4.96 23.82
C LEU A 246 -5.70 -3.56 24.34
N ALA A 247 -6.38 -2.55 23.79
CA ALA A 247 -6.17 -1.18 24.27
C ALA A 247 -6.61 -1.06 25.72
N TRP A 248 -7.71 -1.72 26.09
CA TRP A 248 -8.19 -1.67 27.47
C TRP A 248 -7.22 -2.37 28.41
N LYS A 249 -6.67 -3.52 27.99
CA LYS A 249 -5.67 -4.20 28.81
C LYS A 249 -4.44 -3.33 28.99
N MET A 250 -4.00 -2.64 27.93
CA MET A 250 -2.85 -1.76 28.04
C MET A 250 -3.13 -0.59 28.97
N ILE A 251 -4.35 -0.05 28.92
CA ILE A 251 -4.72 1.02 29.85
C ILE A 251 -4.69 0.51 31.29
N ARG A 252 -5.23 -0.69 31.53
CA ARG A 252 -5.20 -1.25 32.87
C ARG A 252 -3.77 -1.47 33.36
N ASP A 253 -2.86 -1.83 32.46
CA ASP A 253 -1.47 -1.97 32.82
C ASP A 253 -0.78 -0.62 33.03
N GLY A 254 -1.44 0.48 32.71
CA GLY A 254 -0.91 1.80 32.93
C GLY A 254 -0.44 2.55 31.71
N CYS A 255 -0.77 2.09 30.50
CA CYS A 255 -0.32 2.73 29.28
C CYS A 255 -1.20 3.94 28.98
N VAL A 256 -0.59 5.11 28.84
CA VAL A 256 -1.29 6.32 28.45
C VAL A 256 -1.28 6.42 26.93
N MET A 257 -2.47 6.36 26.33
CA MET A 257 -2.59 6.38 24.88
C MET A 257 -2.33 7.78 24.34
N LYS A 258 -1.36 7.91 23.43
CA LYS A 258 -0.99 9.19 22.84
C LYS A 258 -1.01 9.08 21.32
N ILE A 259 -1.30 10.21 20.67
CA ILE A 259 -1.26 10.25 19.20
C ILE A 259 0.13 9.90 18.72
N THR A 260 0.21 9.04 17.69
CA THR A 260 1.48 8.62 17.12
C THR A 260 1.73 9.11 15.70
N ARG A 261 0.68 9.41 14.94
CA ARG A 261 0.83 9.75 13.53
C ARG A 261 -0.19 10.83 13.15
N SER A 262 0.26 11.78 12.33
CA SER A 262 -0.58 12.83 11.81
C SER A 262 -0.23 13.10 10.36
N LEU A 263 -1.25 13.33 9.53
CA LEU A 263 -1.08 13.54 8.10
C LEU A 263 -1.24 15.00 7.70
N ASN A 264 -0.89 15.91 8.61
CA ASN A 264 -1.05 17.34 8.36
C ASN A 264 0.27 18.08 8.42
N SER B 51 6.03 7.23 -36.81
CA SER B 51 5.65 7.77 -35.51
C SER B 51 6.87 8.30 -34.76
N LYS B 52 6.76 9.53 -34.26
CA LYS B 52 7.84 10.18 -33.53
C LYS B 52 7.62 9.99 -32.03
N GLN B 53 8.64 9.48 -31.36
CA GLN B 53 8.56 9.22 -29.93
C GLN B 53 8.95 10.46 -29.12
N LEU B 54 8.32 10.58 -27.95
CA LEU B 54 8.58 11.72 -27.07
C LEU B 54 9.84 11.50 -26.22
N PHE B 55 10.03 10.29 -25.72
CA PHE B 55 11.17 9.95 -24.86
C PHE B 55 12.20 9.17 -25.66
N ASP B 56 13.47 9.56 -25.52
CA ASP B 56 14.56 8.89 -26.20
C ASP B 56 15.01 7.63 -25.47
N TYR B 57 14.69 7.50 -24.19
CA TYR B 57 15.04 6.32 -23.41
C TYR B 57 13.92 6.03 -22.43
N LEU B 58 13.70 4.75 -22.15
CA LEU B 58 12.80 4.31 -21.10
C LEU B 58 13.54 3.45 -20.10
N ILE B 59 13.25 3.66 -18.83
CA ILE B 59 13.78 2.84 -17.75
C ILE B 59 12.63 1.99 -17.21
N VAL B 60 12.71 0.69 -17.43
CA VAL B 60 11.64 -0.24 -17.06
C VAL B 60 11.98 -0.87 -15.72
N ILE B 61 11.02 -0.87 -14.80
CA ILE B 61 11.22 -1.34 -13.43
C ILE B 61 10.13 -2.34 -13.10
N ASP B 62 10.53 -3.49 -12.57
CA ASP B 62 9.58 -4.52 -12.11
C ASP B 62 10.07 -5.03 -10.77
N PHE B 63 9.53 -4.46 -9.69
CA PHE B 63 9.97 -4.82 -8.35
C PHE B 63 9.55 -6.23 -7.98
N GLU B 64 10.40 -6.88 -7.18
CA GLU B 64 10.05 -8.09 -6.46
C GLU B 64 10.10 -7.78 -4.97
N SER B 65 9.12 -8.29 -4.22
CA SER B 65 8.97 -7.94 -2.82
C SER B 65 8.56 -9.17 -2.03
N THR B 66 8.67 -9.05 -0.70
CA THR B 66 8.18 -10.08 0.18
C THR B 66 6.68 -10.27 0.00
N CYS B 67 6.23 -11.51 0.21
CA CYS B 67 4.83 -11.88 0.08
C CYS B 67 4.61 -13.18 0.83
N TRP B 68 3.39 -13.39 1.30
CA TRP B 68 3.06 -14.60 2.04
C TRP B 68 1.68 -15.10 1.63
N ASN B 69 1.44 -16.38 1.91
CA ASN B 69 0.13 -17.00 1.74
C ASN B 69 -0.11 -17.95 2.91
N ASP B 70 -0.08 -17.40 4.13
CA ASP B 70 -0.23 -18.21 5.34
C ASP B 70 -1.53 -17.94 6.07
N GLY B 71 -2.56 -17.45 5.36
CA GLY B 71 -3.85 -17.24 5.98
C GLY B 71 -4.01 -15.97 6.76
N LYS B 72 -2.93 -15.24 7.03
CA LYS B 72 -2.97 -14.05 7.87
C LYS B 72 -3.05 -12.77 7.03
N HIS B 73 -3.44 -11.69 7.70
CA HIS B 73 -3.41 -10.37 7.09
C HIS B 73 -1.99 -9.83 6.98
N HIS B 74 -1.62 -9.40 5.77
CA HIS B 74 -0.32 -8.80 5.51
C HIS B 74 -0.54 -7.49 4.76
N HIS B 75 0.02 -6.40 5.27
CA HIS B 75 -0.15 -5.09 4.67
C HIS B 75 1.14 -4.51 4.09
N SER B 76 2.21 -4.49 4.87
CA SER B 76 3.46 -3.87 4.42
C SER B 76 4.38 -4.90 3.79
N GLN B 77 4.72 -4.70 2.52
CA GLN B 77 5.68 -5.50 1.79
C GLN B 77 6.99 -4.74 1.65
N GLU B 78 8.10 -5.47 1.62
CA GLU B 78 9.42 -4.88 1.48
C GLU B 78 10.05 -5.33 0.17
N ILE B 79 10.66 -4.37 -0.54
CA ILE B 79 11.33 -4.69 -1.79
C ILE B 79 12.50 -5.64 -1.52
N ILE B 80 12.61 -6.68 -2.33
CA ILE B 80 13.74 -7.60 -2.23
C ILE B 80 14.58 -7.66 -3.51
N GLU B 81 14.06 -7.22 -4.66
CA GLU B 81 14.86 -7.10 -5.87
C GLU B 81 14.54 -5.78 -6.54
N PHE B 82 15.58 -5.05 -6.94
CA PHE B 82 15.46 -3.74 -7.57
C PHE B 82 16.06 -3.83 -8.97
N PRO B 83 15.29 -4.22 -9.99
CA PRO B 83 15.85 -4.29 -11.34
C PRO B 83 15.43 -3.11 -12.20
N ALA B 84 16.25 -2.78 -13.20
CA ALA B 84 15.94 -1.70 -14.12
C ALA B 84 16.73 -1.90 -15.40
N VAL B 85 16.06 -1.73 -16.54
CA VAL B 85 16.69 -1.83 -17.85
C VAL B 85 16.52 -0.50 -18.57
N LEU B 86 17.58 -0.06 -19.24
CA LEU B 86 17.57 1.16 -20.02
C LEU B 86 17.30 0.77 -21.47
N LEU B 87 16.12 1.14 -21.97
CA LEU B 87 15.71 0.82 -23.32
C LEU B 87 15.94 2.00 -24.24
N ASN B 88 16.56 1.77 -25.39
CA ASN B 88 16.77 2.79 -26.41
C ASN B 88 15.56 2.76 -27.34
N THR B 89 14.74 3.81 -27.28
CA THR B 89 13.50 3.84 -28.05
C THR B 89 13.72 4.06 -29.55
N SER B 90 14.96 4.33 -29.97
CA SER B 90 15.27 4.50 -31.39
C SER B 90 15.92 3.28 -32.00
N THR B 91 16.82 2.61 -31.28
CA THR B 91 17.48 1.41 -31.78
C THR B 91 16.81 0.12 -31.35
N GLY B 92 16.12 0.13 -30.21
CA GLY B 92 15.49 -1.06 -29.69
C GLY B 92 16.35 -1.89 -28.77
N GLN B 93 17.60 -1.49 -28.54
CA GLN B 93 18.51 -2.25 -27.70
C GLN B 93 18.37 -1.84 -26.24
N ILE B 94 18.91 -2.68 -25.36
CA ILE B 94 19.02 -2.38 -23.94
C ILE B 94 20.47 -1.94 -23.70
N ASP B 95 20.68 -0.65 -23.50
CA ASP B 95 22.03 -0.11 -23.40
C ASP B 95 22.62 -0.17 -22.00
N SER B 96 21.79 -0.37 -20.97
CA SER B 96 22.30 -0.46 -19.61
C SER B 96 21.28 -1.17 -18.75
N GLU B 97 21.77 -1.79 -17.67
CA GLU B 97 20.91 -2.52 -16.74
C GLU B 97 21.36 -2.26 -15.31
N PHE B 98 20.42 -2.36 -14.39
CA PHE B 98 20.68 -2.23 -12.97
C PHE B 98 19.97 -3.36 -12.23
N GLN B 99 20.66 -3.97 -11.28
CA GLN B 99 20.05 -5.02 -10.47
C GLN B 99 20.67 -5.00 -9.08
N ALA B 100 19.82 -5.01 -8.06
CA ALA B 100 20.28 -5.05 -6.67
C ALA B 100 19.27 -5.84 -5.84
N TYR B 101 19.76 -6.81 -5.09
CA TYR B 101 18.92 -7.53 -4.14
C TYR B 101 18.87 -6.75 -2.83
N VAL B 102 17.65 -6.49 -2.35
CA VAL B 102 17.42 -5.67 -1.17
C VAL B 102 17.19 -6.58 0.02
N GLN B 103 17.91 -6.31 1.10
CA GLN B 103 17.74 -7.09 2.33
C GLN B 103 16.55 -6.56 3.12
N PRO B 104 15.49 -7.34 3.28
CA PRO B 104 14.34 -6.87 4.07
C PRO B 104 14.70 -6.74 5.54
N GLN B 105 14.06 -5.79 6.20
CA GLN B 105 14.31 -5.51 7.62
C GLN B 105 13.13 -5.84 8.52
N GLU B 106 11.91 -5.53 8.08
CA GLU B 106 10.74 -5.81 8.90
C GLU B 106 10.45 -7.31 8.95
N HIS B 107 10.61 -7.99 7.82
CA HIS B 107 10.46 -9.44 7.73
C HIS B 107 11.64 -9.97 6.95
N PRO B 108 12.80 -10.15 7.60
CA PRO B 108 14.01 -10.53 6.87
C PRO B 108 14.00 -11.96 6.36
N ILE B 109 13.13 -12.81 6.88
CA ILE B 109 13.09 -14.22 6.49
C ILE B 109 12.07 -14.36 5.36
N LEU B 110 12.56 -14.70 4.17
CA LEU B 110 11.67 -14.92 3.04
C LEU B 110 10.85 -16.19 3.25
N SER B 111 9.53 -16.08 3.05
CA SER B 111 8.69 -17.26 3.14
C SER B 111 8.97 -18.18 1.96
N GLU B 112 8.55 -19.44 2.11
CA GLU B 112 8.68 -20.39 1.01
C GLU B 112 7.81 -19.98 -0.16
N PHE B 113 6.62 -19.46 0.11
CA PHE B 113 5.76 -18.95 -0.95
C PHE B 113 6.44 -17.81 -1.70
N CYS B 114 7.18 -16.96 -0.99
CA CYS B 114 7.87 -15.85 -1.63
C CYS B 114 9.08 -16.31 -2.43
N MET B 115 9.89 -17.20 -1.84
CA MET B 115 11.07 -17.69 -2.55
C MET B 115 10.68 -18.49 -3.79
N GLU B 116 9.52 -19.15 -3.76
CA GLU B 116 9.06 -19.88 -4.93
C GLU B 116 8.48 -18.95 -5.99
N LEU B 117 7.77 -17.90 -5.55
CA LEU B 117 7.10 -17.01 -6.50
C LEU B 117 8.09 -16.11 -7.23
N THR B 118 9.10 -15.62 -6.52
CA THR B 118 10.05 -14.67 -7.09
C THR B 118 11.32 -15.33 -7.60
N GLY B 119 11.57 -16.59 -7.22
CA GLY B 119 12.81 -17.25 -7.57
C GLY B 119 14.01 -16.75 -6.81
N ILE B 120 13.81 -15.91 -5.80
CA ILE B 120 14.89 -15.35 -5.00
C ILE B 120 15.14 -16.26 -3.81
N LYS B 121 16.41 -16.62 -3.62
CA LYS B 121 16.80 -17.46 -2.49
C LYS B 121 17.11 -16.58 -1.28
N GLN B 122 17.09 -17.20 -0.10
CA GLN B 122 17.31 -16.44 1.12
C GLN B 122 18.71 -15.84 1.15
N ALA B 123 19.70 -16.60 0.67
CA ALA B 123 21.08 -16.13 0.69
C ALA B 123 21.30 -14.90 -0.19
N GLN B 124 20.44 -14.67 -1.18
CA GLN B 124 20.63 -13.52 -2.06
C GLN B 124 20.26 -12.21 -1.35
N VAL B 125 19.14 -12.20 -0.64
CA VAL B 125 18.81 -11.02 0.16
C VAL B 125 19.65 -10.94 1.41
N ASP B 126 20.28 -12.04 1.82
CA ASP B 126 21.22 -12.00 2.94
C ASP B 126 22.51 -11.29 2.54
N GLU B 127 22.92 -11.43 1.28
CA GLU B 127 24.07 -10.70 0.74
C GLU B 127 23.69 -9.30 0.26
N GLY B 128 22.40 -8.98 0.22
CA GLY B 128 21.95 -7.71 -0.30
C GLY B 128 22.13 -6.57 0.67
N VAL B 129 21.75 -5.38 0.21
CA VAL B 129 21.91 -4.15 0.97
C VAL B 129 20.54 -3.65 1.39
N PRO B 130 20.44 -2.87 2.47
CA PRO B 130 19.15 -2.26 2.83
C PRO B 130 18.64 -1.34 1.72
N LEU B 131 17.34 -1.04 1.79
CA LEU B 131 16.72 -0.25 0.75
C LEU B 131 17.34 1.13 0.65
N LYS B 132 17.70 1.74 1.78
CA LYS B 132 18.31 3.06 1.77
C LYS B 132 19.59 3.07 0.94
N ILE B 133 20.47 2.09 1.17
CA ILE B 133 21.68 1.96 0.37
C ILE B 133 21.33 1.68 -1.08
N CYS B 134 20.24 0.95 -1.33
CA CYS B 134 19.87 0.59 -2.69
C CYS B 134 19.55 1.81 -3.55
N LEU B 135 18.81 2.78 -3.00
CA LEU B 135 18.51 3.98 -3.77
C LEU B 135 19.78 4.77 -4.09
N SER B 136 20.76 4.77 -3.17
CA SER B 136 22.01 5.45 -3.44
C SER B 136 22.74 4.81 -4.62
N GLN B 137 22.75 3.48 -4.67
CA GLN B 137 23.35 2.79 -5.81
C GLN B 137 22.56 3.07 -7.08
N PHE B 138 21.23 3.12 -6.99
CA PHE B 138 20.40 3.39 -8.16
C PHE B 138 20.62 4.81 -8.66
N CYS B 139 20.80 5.77 -7.75
CA CYS B 139 21.05 7.14 -8.17
C CYS B 139 22.42 7.27 -8.83
N LYS B 140 23.43 6.57 -8.30
CA LYS B 140 24.73 6.55 -8.96
C LYS B 140 24.61 5.98 -10.37
N TRP B 141 23.77 4.95 -10.55
CA TRP B 141 23.53 4.43 -11.88
C TRP B 141 22.80 5.44 -12.74
N ILE B 142 21.81 6.13 -12.17
CA ILE B 142 21.14 7.21 -12.89
C ILE B 142 22.14 8.29 -13.25
N HIS B 143 23.00 8.67 -12.29
CA HIS B 143 24.03 9.66 -12.58
C HIS B 143 25.02 9.16 -13.63
N LYS B 144 25.26 7.86 -13.67
CA LYS B 144 26.22 7.32 -14.64
C LYS B 144 25.65 7.39 -16.06
N ILE B 145 24.40 6.95 -16.25
CA ILE B 145 23.80 7.02 -17.57
C ILE B 145 23.56 8.46 -18.00
N GLN B 146 23.48 9.39 -17.05
CA GLN B 146 23.45 10.81 -17.38
C GLN B 146 24.78 11.27 -17.96
N GLN B 147 25.89 10.91 -17.29
CA GLN B 147 27.21 11.31 -17.76
C GLN B 147 27.55 10.69 -19.12
N GLN B 148 26.94 9.56 -19.47
CA GLN B 148 27.24 8.86 -20.71
C GLN B 148 26.31 9.23 -21.86
N LYS B 149 25.00 9.27 -21.60
CA LYS B 149 24.02 9.48 -22.67
C LYS B 149 23.31 10.82 -22.60
N ASN B 150 23.66 11.68 -21.65
CA ASN B 150 23.10 13.03 -21.54
C ASN B 150 21.58 13.02 -21.39
N ILE B 151 21.10 12.24 -20.43
CA ILE B 151 19.67 12.04 -20.19
C ILE B 151 19.17 13.02 -19.14
N ILE B 152 17.99 13.59 -19.37
CA ILE B 152 17.33 14.40 -18.34
C ILE B 152 15.92 13.89 -18.09
N PHE B 153 15.42 14.20 -16.89
CA PHE B 153 14.06 13.89 -16.46
C PHE B 153 13.32 15.20 -16.26
N ALA B 154 12.32 15.48 -17.10
CA ALA B 154 11.59 16.73 -17.01
C ALA B 154 10.09 16.46 -17.04
N THR B 155 9.35 17.32 -16.33
CA THR B 155 7.90 17.22 -16.24
C THR B 155 7.22 18.05 -17.33
N GLY B 156 6.04 17.61 -17.73
CA GLY B 156 5.25 18.29 -18.74
C GLY B 156 6.00 18.51 -20.04
N ILE B 157 6.37 17.42 -20.71
CA ILE B 157 7.14 17.49 -21.94
C ILE B 157 6.17 17.34 -23.10
N SER B 158 5.93 18.41 -23.83
CA SER B 158 5.03 18.37 -24.98
C SER B 158 5.75 18.23 -26.31
N GLU B 159 7.07 18.05 -26.32
CA GLU B 159 7.74 17.91 -27.61
C GLU B 159 8.99 17.06 -27.51
N PRO B 160 9.24 16.20 -28.50
CA PRO B 160 10.52 15.47 -28.54
C PRO B 160 11.70 16.42 -28.62
N SER B 161 12.80 16.02 -27.97
CA SER B 161 14.01 16.80 -28.05
C SER B 161 14.60 16.71 -29.45
N ALA B 162 15.03 17.85 -30.00
CA ALA B 162 15.68 17.87 -31.30
C ALA B 162 17.14 18.29 -31.19
N SER B 163 17.76 18.05 -30.04
CA SER B 163 19.10 18.55 -29.77
C SER B 163 19.94 17.45 -29.14
N GLU B 164 21.00 17.86 -28.44
CA GLU B 164 21.94 16.93 -27.82
C GLU B 164 21.35 16.23 -26.59
N VAL B 165 20.32 16.79 -25.98
CA VAL B 165 19.75 16.27 -24.75
C VAL B 165 18.68 15.23 -25.08
N LYS B 166 18.58 14.22 -24.21
CA LYS B 166 17.69 13.09 -24.42
C LYS B 166 16.69 12.99 -23.26
N LEU B 167 15.41 12.87 -23.60
CA LEU B 167 14.37 12.75 -22.59
C LEU B 167 14.17 11.28 -22.22
N CYS B 168 14.04 11.02 -20.93
CA CYS B 168 13.86 9.67 -20.42
C CYS B 168 12.69 9.64 -19.44
N ALA B 169 12.06 8.48 -19.35
CA ALA B 169 10.93 8.29 -18.44
C ALA B 169 10.95 6.88 -17.89
N PHE B 170 10.30 6.70 -16.75
CA PHE B 170 10.21 5.40 -16.11
C PHE B 170 8.93 4.70 -16.52
N VAL B 171 9.03 3.41 -16.78
CA VAL B 171 7.89 2.60 -17.20
C VAL B 171 7.78 1.41 -16.25
N THR B 172 6.59 1.21 -15.70
CA THR B 172 6.31 0.02 -14.90
C THR B 172 4.98 -0.58 -15.34
N TRP B 173 4.84 -1.88 -15.09
CA TRP B 173 3.55 -2.54 -15.29
C TRP B 173 2.63 -2.12 -14.16
N SER B 174 1.57 -1.37 -14.47
CA SER B 174 0.62 -0.85 -13.50
C SER B 174 1.30 0.17 -12.59
N ASP B 175 0.49 0.89 -11.81
CA ASP B 175 0.99 1.89 -10.86
C ASP B 175 1.49 1.30 -9.54
N TRP B 176 1.57 -0.02 -9.39
CA TRP B 176 1.84 -0.58 -8.08
C TRP B 176 3.30 -0.37 -7.65
N ASP B 177 4.24 -0.46 -8.60
CA ASP B 177 5.65 -0.41 -8.25
C ASP B 177 6.05 0.93 -7.67
N LEU B 178 5.94 2.00 -8.45
CA LEU B 178 6.38 3.32 -8.02
C LEU B 178 5.29 4.11 -7.32
N GLY B 179 4.05 3.62 -7.31
CA GLY B 179 2.97 4.37 -6.70
C GLY B 179 2.48 3.79 -5.39
N VAL B 180 2.76 2.51 -5.17
CA VAL B 180 2.27 1.82 -3.98
C VAL B 180 3.43 1.20 -3.20
N CYS B 181 4.18 0.31 -3.86
CA CYS B 181 5.25 -0.42 -3.20
C CYS B 181 6.34 0.50 -2.65
N LEU B 182 7.09 1.14 -3.54
CA LEU B 182 8.17 2.02 -3.09
C LEU B 182 7.64 3.23 -2.34
N GLU B 183 6.47 3.73 -2.70
CA GLU B 183 5.95 4.95 -2.08
C GLU B 183 5.63 4.72 -0.61
N TYR B 184 4.83 3.69 -0.32
CA TYR B 184 4.44 3.43 1.07
CA TYR B 184 4.44 3.44 1.07
C TYR B 184 5.63 2.96 1.90
N GLU B 185 6.54 2.18 1.30
CA GLU B 185 7.69 1.70 2.05
C GLU B 185 8.61 2.86 2.43
N CYS B 186 8.80 3.83 1.53
CA CYS B 186 9.62 4.99 1.88
C CYS B 186 8.93 5.86 2.92
N LYS B 187 7.61 6.01 2.82
CA LYS B 187 6.90 6.84 3.79
C LYS B 187 6.88 6.19 5.18
N ARG B 188 6.80 4.86 5.26
CA ARG B 188 6.78 4.22 6.57
C ARG B 188 8.18 4.09 7.16
N LYS B 189 9.21 4.00 6.32
CA LYS B 189 10.59 3.92 6.79
C LYS B 189 11.27 5.29 6.83
N GLN B 190 10.55 6.36 6.50
CA GLN B 190 11.08 7.72 6.56
C GLN B 190 12.35 7.87 5.72
N LEU B 191 12.37 7.25 4.55
CA LEU B 191 13.50 7.35 3.63
C LEU B 191 13.21 8.40 2.58
N LEU B 192 14.29 8.99 2.04
CA LEU B 192 14.19 9.99 1.01
C LEU B 192 14.09 9.29 -0.35
N LYS B 193 12.93 9.42 -1.00
CA LYS B 193 12.73 8.83 -2.32
C LYS B 193 13.18 9.80 -3.40
N PRO B 194 13.95 9.34 -4.39
CA PRO B 194 14.36 10.24 -5.48
C PRO B 194 13.15 10.81 -6.21
N VAL B 195 13.16 12.14 -6.37
CA VAL B 195 11.99 12.84 -6.91
C VAL B 195 11.69 12.46 -8.34
N PHE B 196 12.68 11.98 -9.10
CA PHE B 196 12.41 11.62 -10.49
C PHE B 196 11.60 10.35 -10.61
N LEU B 197 11.38 9.62 -9.50
CA LEU B 197 10.50 8.47 -9.48
C LEU B 197 9.07 8.82 -9.11
N ASN B 198 8.67 10.08 -9.27
CA ASN B 198 7.32 10.53 -8.95
C ASN B 198 6.40 10.57 -10.17
N SER B 199 6.92 10.26 -11.36
CA SER B 199 6.11 10.20 -12.57
C SER B 199 6.62 9.06 -13.43
N TRP B 200 5.70 8.34 -14.06
CA TRP B 200 6.07 7.15 -14.81
C TRP B 200 5.01 6.87 -15.87
N ILE B 201 5.22 5.79 -16.62
CA ILE B 201 4.33 5.35 -17.68
C ILE B 201 3.74 4.01 -17.26
N ASP B 202 2.44 3.98 -16.96
CA ASP B 202 1.75 2.73 -16.69
C ASP B 202 1.61 1.98 -18.00
N LEU B 203 2.48 0.99 -18.23
CA LEU B 203 2.46 0.27 -19.50
C LEU B 203 1.19 -0.54 -19.68
N ARG B 204 0.59 -1.02 -18.58
CA ARG B 204 -0.66 -1.76 -18.69
C ARG B 204 -1.78 -0.87 -19.19
N ALA B 205 -1.89 0.34 -18.63
CA ALA B 205 -2.91 1.29 -19.11
C ALA B 205 -2.62 1.73 -20.54
N THR B 206 -1.35 1.94 -20.88
CA THR B 206 -0.99 2.29 -22.25
C THR B 206 -1.33 1.16 -23.22
N TYR B 207 -1.09 -0.08 -22.81
CA TYR B 207 -1.45 -1.22 -23.65
C TYR B 207 -2.96 -1.29 -23.88
N LYS B 208 -3.74 -1.01 -22.83
CA LYS B 208 -5.19 -1.15 -22.93
C LYS B 208 -5.79 -0.15 -23.90
N LEU B 209 -5.43 1.12 -23.78
CA LEU B 209 -6.03 2.14 -24.63
C LEU B 209 -5.44 2.17 -26.03
N PHE B 210 -4.27 1.57 -26.24
CA PHE B 210 -3.67 1.53 -27.58
C PHE B 210 -4.23 0.37 -28.40
N TYR B 211 -4.08 -0.85 -27.89
CA TYR B 211 -4.56 -2.03 -28.61
C TYR B 211 -6.06 -2.27 -28.43
N ARG B 212 -6.70 -1.56 -27.51
CA ARG B 212 -8.15 -1.64 -27.31
C ARG B 212 -8.59 -3.07 -26.95
N ARG B 213 -7.92 -3.65 -25.95
CA ARG B 213 -8.26 -4.98 -25.47
C ARG B 213 -7.72 -5.17 -24.07
N LYS B 214 -8.31 -6.12 -23.34
CA LYS B 214 -7.92 -6.40 -21.97
C LYS B 214 -6.88 -7.50 -21.96
N PRO B 215 -5.64 -7.23 -21.55
CA PRO B 215 -4.64 -8.29 -21.46
C PRO B 215 -4.75 -9.02 -20.13
N LYS B 216 -4.40 -10.30 -20.15
CA LYS B 216 -4.39 -11.13 -18.96
C LYS B 216 -2.96 -11.18 -18.43
N GLY B 217 -2.56 -10.09 -17.77
CA GLY B 217 -1.22 -10.01 -17.23
C GLY B 217 -0.19 -9.64 -18.28
N LEU B 218 1.05 -9.49 -17.83
CA LEU B 218 2.13 -9.19 -18.75
C LEU B 218 2.31 -10.32 -19.76
N SER B 219 2.16 -11.57 -19.33
CA SER B 219 2.25 -12.71 -20.23
C SER B 219 1.12 -12.67 -21.26
N GLY B 220 -0.10 -12.40 -20.81
CA GLY B 220 -1.22 -12.33 -21.74
C GLY B 220 -1.03 -11.23 -22.77
N ALA B 221 -0.50 -10.10 -22.35
CA ALA B 221 -0.25 -9.00 -23.28
C ALA B 221 0.79 -9.39 -24.33
N LEU B 222 1.89 -10.02 -23.91
CA LEU B 222 2.91 -10.45 -24.84
C LEU B 222 2.37 -11.46 -25.83
N GLN B 223 1.52 -12.38 -25.37
CA GLN B 223 0.97 -13.40 -26.26
C GLN B 223 0.10 -12.77 -27.34
N GLU B 224 -0.69 -11.76 -26.98
CA GLU B 224 -1.60 -11.14 -27.93
C GLU B 224 -0.88 -10.41 -29.06
N VAL B 225 0.37 -9.97 -28.84
CA VAL B 225 1.15 -9.29 -29.87
C VAL B 225 2.15 -10.25 -30.52
N GLY B 226 1.96 -11.55 -30.35
CA GLY B 226 2.77 -12.54 -31.04
C GLY B 226 4.07 -12.91 -30.35
N ILE B 227 4.33 -12.41 -29.15
CA ILE B 227 5.54 -12.71 -28.41
C ILE B 227 5.15 -13.74 -27.36
N GLU B 228 5.63 -14.97 -27.49
CA GLU B 228 5.21 -16.06 -26.63
C GLU B 228 6.40 -16.61 -25.86
N PHE B 229 6.24 -16.72 -24.54
CA PHE B 229 7.23 -17.33 -23.66
C PHE B 229 6.68 -18.62 -23.08
N SER B 230 7.58 -19.51 -22.71
CA SER B 230 7.26 -20.79 -22.10
C SER B 230 7.75 -20.84 -20.67
N GLY B 231 7.21 -21.78 -19.90
CA GLY B 231 7.71 -22.03 -18.56
C GLY B 231 7.11 -21.14 -17.49
N ARG B 232 7.82 -21.10 -16.36
CA ARG B 232 7.41 -20.31 -15.21
C ARG B 232 7.34 -18.82 -15.56
N GLU B 233 6.59 -18.09 -14.76
CA GLU B 233 6.52 -16.64 -14.90
C GLU B 233 7.87 -16.02 -14.56
N ALA B 234 8.35 -15.13 -15.43
CA ALA B 234 9.61 -14.45 -15.19
C ALA B 234 9.49 -13.53 -13.98
N SER B 235 10.65 -13.21 -13.38
CA SER B 235 10.67 -12.35 -12.20
C SER B 235 11.91 -11.46 -12.22
N GLY B 236 11.77 -10.30 -11.60
CA GLY B 236 12.90 -9.41 -11.40
C GLY B 236 13.47 -8.89 -12.71
N LEU B 237 14.80 -9.02 -12.84
CA LEU B 237 15.48 -8.50 -14.02
C LEU B 237 15.00 -9.17 -15.30
N ASP B 238 14.65 -10.46 -15.22
CA ASP B 238 14.13 -11.15 -16.39
C ASP B 238 12.77 -10.59 -16.78
N ALA B 239 11.92 -10.29 -15.80
CA ALA B 239 10.63 -9.68 -16.10
C ALA B 239 10.78 -8.26 -16.62
N SER B 240 11.79 -7.52 -16.14
CA SER B 240 12.03 -6.17 -16.64
C SER B 240 12.40 -6.19 -18.12
N ARG B 241 13.25 -7.12 -18.52
CA ARG B 241 13.61 -7.24 -19.92
C ARG B 241 12.41 -7.62 -20.77
N ASN B 242 11.54 -8.49 -20.24
CA ASN B 242 10.34 -8.88 -20.98
C ASN B 242 9.36 -7.72 -21.10
N THR B 243 9.24 -6.91 -20.05
CA THR B 243 8.40 -5.72 -20.11
C THR B 243 8.97 -4.72 -21.11
N ALA B 244 10.29 -4.57 -21.16
CA ALA B 244 10.91 -3.68 -22.14
C ALA B 244 10.73 -4.22 -23.55
N LEU B 245 10.71 -5.54 -23.71
CA LEU B 245 10.40 -6.12 -25.01
C LEU B 245 8.99 -5.74 -25.46
N LEU B 246 8.03 -5.79 -24.53
CA LEU B 246 6.68 -5.36 -24.85
C LEU B 246 6.63 -3.89 -25.25
N ALA B 247 7.37 -3.04 -24.52
CA ALA B 247 7.39 -1.62 -24.85
C ALA B 247 8.00 -1.36 -26.22
N TRP B 248 9.05 -2.10 -26.57
CA TRP B 248 9.68 -1.91 -27.88
C TRP B 248 8.75 -2.34 -29.00
N LYS B 249 8.04 -3.46 -28.83
CA LYS B 249 7.07 -3.88 -29.84
C LYS B 249 5.95 -2.86 -29.99
N MET B 250 5.48 -2.31 -28.86
CA MET B 250 4.41 -1.30 -28.94
C MET B 250 4.89 -0.05 -29.67
N ILE B 251 6.17 0.32 -29.48
CA ILE B 251 6.74 1.43 -30.26
C ILE B 251 6.74 1.07 -31.73
N ARG B 252 7.10 -0.17 -32.07
CA ARG B 252 7.09 -0.61 -33.46
C ARG B 252 5.69 -0.55 -34.07
N ASP B 253 4.65 -0.82 -33.27
CA ASP B 253 3.28 -0.71 -33.75
C ASP B 253 2.83 0.75 -33.90
N GLY B 254 3.60 1.71 -33.41
CA GLY B 254 3.27 3.10 -33.53
C GLY B 254 2.78 3.79 -32.27
N CYS B 255 2.93 3.15 -31.11
CA CYS B 255 2.44 3.72 -29.86
C CYS B 255 3.45 4.74 -29.34
N VAL B 256 2.97 5.97 -29.10
CA VAL B 256 3.79 7.02 -28.52
C VAL B 256 3.65 6.93 -27.00
N MET B 257 4.76 6.61 -26.32
CA MET B 257 4.74 6.43 -24.89
C MET B 257 4.61 7.79 -24.20
N LYS B 258 3.57 7.94 -23.37
CA LYS B 258 3.31 9.19 -22.67
C LYS B 258 3.18 8.91 -21.18
N ILE B 259 3.53 9.93 -20.38
CA ILE B 259 3.36 9.82 -18.94
C ILE B 259 1.89 9.61 -18.62
N THR B 260 1.61 8.66 -17.72
CA THR B 260 0.25 8.35 -17.33
C THR B 260 -0.08 8.75 -15.90
N ARG B 261 0.93 8.85 -15.02
CA ARG B 261 0.70 9.12 -13.62
C ARG B 261 1.80 10.03 -13.10
N SER B 262 1.40 11.00 -12.27
CA SER B 262 2.35 11.90 -11.64
C SER B 262 1.90 12.15 -10.21
N LEU B 263 2.87 12.23 -9.30
CA LEU B 263 2.57 12.41 -7.88
C LEU B 263 2.88 13.83 -7.43
#